data_3TKZ
#
_entry.id   3TKZ
#
_cell.length_a   62.865
_cell.length_b   62.865
_cell.length_c   75.322
_cell.angle_alpha   90.00
_cell.angle_beta   90.00
_cell.angle_gamma   90.00
#
_symmetry.space_group_name_H-M   'P 43 21 2'
#
loop_
_entity.id
_entity.type
_entity.pdbx_description
1 polymer 'Tyrosine-protein phosphatase non-receptor type 11'
2 polymer 'PROTEIN (RVIpYFVPLNR peptide)'
3 water water
#
loop_
_entity_poly.entity_id
_entity_poly.type
_entity_poly.pdbx_seq_one_letter_code
_entity_poly.pdbx_strand_id
1 'polypeptide(L)'
;GSHMTSRRWFHPNITGVEAENLLLTRGVDGSFLARPSKSNPGDFTLSVRRNGAVTHIKIQNTGDYYDLYGGEKFATLAEL
VQYYMEHHGQLKEKNGDVIELKYPLNCAD
;
A
2 'polypeptide(L)' RVI(PTR)FVPLNR P,Q
#
# COMPACT_ATOMS: atom_id res chain seq x y z
N ARG A 7 -5.26 -7.38 10.30
CA ARG A 7 -4.60 -8.15 9.18
C ARG A 7 -5.46 -9.43 8.79
N ARG A 8 -4.94 -10.48 8.16
CA ARG A 8 -3.56 -10.81 8.04
C ARG A 8 -2.81 -10.19 6.85
N TRP A 9 -3.33 -9.10 6.24
CA TRP A 9 -2.57 -8.37 5.17
C TRP A 9 -1.37 -7.68 5.79
N PHE A 10 -1.33 -7.64 7.12
CA PHE A 10 -0.21 -6.99 7.80
C PHE A 10 0.96 -7.98 8.05
N HIS A 11 2.15 -7.63 7.58
CA HIS A 11 3.32 -8.51 7.75
C HIS A 11 4.34 -7.74 8.59
N PRO A 12 4.41 -8.00 9.89
CA PRO A 12 5.27 -7.14 10.74
C PRO A 12 6.80 -7.22 10.48
N ASN A 13 7.28 -8.28 9.83
CA ASN A 13 8.74 -8.49 9.81
C ASN A 13 9.35 -8.64 8.44
N ILE A 14 8.75 -8.02 7.43
CA ILE A 14 9.37 -8.08 6.12
C ILE A 14 9.85 -6.74 5.61
N THR A 15 10.86 -6.86 4.77
CA THR A 15 11.42 -5.79 4.00
C THR A 15 10.61 -5.57 2.70
N GLY A 16 10.87 -4.45 2.00
CA GLY A 16 10.29 -4.20 0.68
C GLY A 16 10.66 -5.26 -0.35
N VAL A 17 11.95 -5.61 -0.39
CA VAL A 17 12.42 -6.78 -1.15
C VAL A 17 11.64 -8.07 -0.87
N GLU A 18 11.53 -8.45 0.41
CA GLU A 18 10.85 -9.68 0.85
C GLU A 18 9.36 -9.65 0.48
N ALA A 19 8.75 -8.46 0.57
CA ALA A 19 7.39 -8.23 0.11
C ALA A 19 7.24 -8.41 -1.38
N GLU A 20 8.20 -7.90 -2.15
CA GLU A 20 8.25 -8.13 -3.60
C GLU A 20 8.29 -9.62 -3.89
N ASN A 21 9.16 -10.33 -3.20
CA ASN A 21 9.34 -11.74 -3.49
C ASN A 21 8.07 -12.48 -3.21
N LEU A 22 7.38 -12.13 -2.12
CA LEU A 22 6.13 -12.76 -1.76
C LEU A 22 5.01 -12.48 -2.74
N LEU A 23 4.86 -11.21 -3.13
CA LEU A 23 3.79 -10.81 -4.04
C LEU A 23 4.00 -11.46 -5.44
N LEU A 24 5.27 -11.59 -5.84
CA LEU A 24 5.59 -12.10 -7.16
C LEU A 24 5.38 -13.60 -7.20
N THR A 25 5.58 -14.29 -6.09
CA THR A 25 5.57 -15.76 -6.11
C THR A 25 4.31 -16.36 -5.61
N ARG A 26 3.59 -15.68 -4.68
CA ARG A 26 2.41 -16.22 -4.08
C ARG A 26 1.20 -15.32 -4.29
N GLY A 27 1.39 -14.21 -4.98
CA GLY A 27 0.31 -13.23 -5.20
C GLY A 27 -0.19 -13.30 -6.65
N VAL A 28 -1.25 -12.56 -6.93
CA VAL A 28 -1.73 -12.34 -8.30
C VAL A 28 -1.86 -10.81 -8.46
N ASP A 29 -2.18 -10.36 -9.67
CA ASP A 29 -2.36 -8.90 -9.83
C ASP A 29 -3.57 -8.49 -8.98
N GLY A 30 -3.36 -7.45 -8.15
CA GLY A 30 -4.35 -6.92 -7.17
C GLY A 30 -4.03 -7.35 -5.73
N SER A 31 -3.09 -8.32 -5.59
CA SER A 31 -2.54 -8.71 -4.26
C SER A 31 -1.83 -7.55 -3.58
N PHE A 32 -1.96 -7.44 -2.25
CA PHE A 32 -1.24 -6.40 -1.56
C PHE A 32 -0.99 -6.82 -0.13
N LEU A 33 -0.10 -6.08 0.54
CA LEU A 33 0.16 -6.26 1.98
C LEU A 33 0.62 -4.93 2.56
N ALA A 34 0.57 -4.81 3.87
CA ALA A 34 1.25 -3.71 4.54
C ALA A 34 2.44 -4.26 5.33
N ARG A 35 3.47 -3.42 5.47
CA ARG A 35 4.68 -3.84 6.16
C ARG A 35 5.29 -2.61 6.85
N PRO A 36 6.26 -2.84 7.75
CA PRO A 36 6.99 -1.69 8.32
C PRO A 36 7.91 -1.07 7.28
N SER A 37 7.96 0.24 7.32
CA SER A 37 8.79 1.04 6.45
C SER A 37 10.28 1.04 6.90
N LYS A 38 11.18 0.70 5.94
CA LYS A 38 12.65 0.87 6.09
C LYS A 38 13.07 2.34 6.23
N SER A 39 12.55 3.18 5.35
CA SER A 39 13.01 4.57 5.24
C SER A 39 12.35 5.52 6.21
N ASN A 40 11.31 5.04 6.88
CA ASN A 40 10.69 5.73 8.01
C ASN A 40 10.44 4.74 9.13
N PRO A 41 11.46 4.44 9.95
CA PRO A 41 11.33 3.52 11.11
C PRO A 41 10.12 3.81 12.00
N GLY A 42 9.39 2.76 12.39
CA GLY A 42 8.14 2.89 13.13
C GLY A 42 6.88 3.03 12.28
N ASP A 43 7.03 3.35 10.99
CA ASP A 43 5.91 3.60 10.06
C ASP A 43 5.65 2.47 9.14
N PHE A 44 4.61 2.59 8.32
CA PHE A 44 4.13 1.48 7.42
C PHE A 44 4.10 1.81 5.96
N THR A 45 4.15 0.78 5.13
CA THR A 45 4.16 0.95 3.70
C THR A 45 3.25 -0.15 3.10
N LEU A 46 2.51 0.24 2.09
CA LEU A 46 1.73 -0.72 1.28
C LEU A 46 2.53 -1.21 0.11
N SER A 47 2.51 -2.53 -0.14
CA SER A 47 3.20 -3.08 -1.30
C SER A 47 2.10 -3.71 -2.13
N VAL A 48 1.96 -3.29 -3.38
CA VAL A 48 0.76 -3.63 -4.15
C VAL A 48 1.21 -4.23 -5.49
N ARG A 49 0.66 -5.37 -5.87
CA ARG A 49 1.07 -5.95 -7.17
C ARG A 49 0.09 -5.47 -8.24
N ARG A 50 0.60 -5.01 -9.38
CA ARG A 50 -0.26 -4.70 -10.49
C ARG A 50 0.62 -4.95 -11.71
N ASN A 51 0.00 -5.49 -12.73
CA ASN A 51 0.71 -5.88 -13.96
C ASN A 51 1.99 -6.67 -13.76
N GLY A 52 1.98 -7.66 -12.88
CA GLY A 52 3.15 -8.52 -12.67
C GLY A 52 4.36 -7.85 -12.03
N ALA A 53 4.17 -6.64 -11.52
CA ALA A 53 5.20 -5.88 -10.79
C ALA A 53 4.64 -5.34 -9.48
N VAL A 54 5.54 -4.87 -8.61
CA VAL A 54 5.13 -4.39 -7.27
C VAL A 54 5.38 -2.90 -7.12
N THR A 55 4.38 -2.18 -6.62
CA THR A 55 4.39 -0.72 -6.38
C THR A 55 4.41 -0.53 -4.86
N HIS A 56 5.29 0.32 -4.33
CA HIS A 56 5.23 0.61 -2.90
C HIS A 56 4.72 2.03 -2.62
N ILE A 57 3.91 2.15 -1.57
CA ILE A 57 3.31 3.43 -1.26
C ILE A 57 3.37 3.63 0.25
N LYS A 58 3.97 4.74 0.70
CA LYS A 58 4.09 4.99 2.14
C LYS A 58 2.80 5.44 2.80
N ILE A 59 2.62 4.99 4.05
CA ILE A 59 1.49 5.40 4.84
C ILE A 59 2.03 6.34 5.91
N GLN A 60 1.40 7.52 6.00
CA GLN A 60 1.82 8.47 6.99
C GLN A 60 1.06 8.22 8.27
N ASN A 61 1.79 8.21 9.38
CA ASN A 61 1.15 8.24 10.72
C ASN A 61 1.54 9.54 11.39
N THR A 62 0.58 10.46 11.54
CA THR A 62 0.91 11.75 12.17
C THR A 62 0.85 11.69 13.69
N GLY A 63 0.21 10.64 14.22
CA GLY A 63 -0.03 10.54 15.70
C GLY A 63 -1.47 10.95 15.96
N ASP A 64 -2.04 11.75 15.05
CA ASP A 64 -3.45 12.14 15.07
C ASP A 64 -4.34 11.41 14.03
N TYR A 65 -3.71 10.86 13.00
CA TYR A 65 -4.42 10.05 11.98
C TYR A 65 -3.40 9.36 11.05
N TYR A 66 -3.91 8.46 10.18
CA TYR A 66 -3.10 7.87 9.14
C TYR A 66 -3.66 8.37 7.83
N ASP A 67 -2.80 8.55 6.85
CA ASP A 67 -3.30 8.78 5.50
C ASP A 67 -2.17 8.37 4.59
N LEU A 68 -2.33 8.66 3.30
CA LEU A 68 -1.31 8.32 2.32
C LEU A 68 -0.46 9.55 1.87
N TYR A 69 -0.17 10.41 2.84
CA TYR A 69 0.35 11.76 2.59
C TYR A 69 -0.57 12.49 1.64
N GLY A 70 -1.87 12.41 1.90
CA GLY A 70 -2.92 13.00 1.09
C GLY A 70 -4.17 12.18 1.28
N GLY A 71 -5.31 12.69 0.81
CA GLY A 71 -6.53 11.87 0.73
C GLY A 71 -7.20 11.75 2.11
N GLU A 72 -8.19 10.87 2.23
CA GLU A 72 -8.99 10.80 3.47
C GLU A 72 -8.11 10.46 4.68
N LYS A 73 -8.49 10.93 5.87
CA LYS A 73 -7.76 10.67 7.11
C LYS A 73 -8.46 9.55 7.88
N PHE A 74 -7.64 8.68 8.52
CA PHE A 74 -8.22 7.53 9.27
C PHE A 74 -7.64 7.43 10.66
N ALA A 75 -8.43 6.90 11.61
CA ALA A 75 -7.92 6.71 12.95
C ALA A 75 -6.92 5.54 13.05
N THR A 76 -7.10 4.46 12.24
CA THR A 76 -6.27 3.25 12.36
C THR A 76 -5.84 2.79 11.00
N LEU A 77 -4.75 2.01 11.00
CA LEU A 77 -4.24 1.49 9.74
C LEU A 77 -5.29 0.57 9.15
N ALA A 78 -5.96 -0.23 9.98
CA ALA A 78 -6.91 -1.17 9.40
C ALA A 78 -8.08 -0.42 8.71
N GLU A 79 -8.52 0.71 9.27
CA GLU A 79 -9.58 1.49 8.63
C GLU A 79 -9.12 2.06 7.30
N LEU A 80 -7.86 2.48 7.24
CA LEU A 80 -7.27 2.95 5.95
C LEU A 80 -7.35 1.83 4.89
N VAL A 81 -6.87 0.69 5.27
CA VAL A 81 -6.82 -0.43 4.33
C VAL A 81 -8.23 -0.77 3.91
N GLN A 82 -9.15 -0.84 4.86
CA GLN A 82 -10.53 -1.20 4.51
C GLN A 82 -11.12 -0.19 3.54
N TYR A 83 -10.89 1.09 3.81
CA TYR A 83 -11.42 2.12 2.96
C TYR A 83 -10.94 1.95 1.49
N TYR A 84 -9.64 1.73 1.28
CA TYR A 84 -9.17 1.62 -0.10
C TYR A 84 -9.49 0.27 -0.72
N MET A 85 -9.73 -0.75 0.10
CA MET A 85 -10.30 -2.02 -0.44
C MET A 85 -11.76 -1.85 -0.92
N GLU A 86 -12.53 -1.05 -0.17
CA GLU A 86 -13.92 -0.82 -0.51
C GLU A 86 -14.20 0.26 -1.54
N HIS A 87 -13.27 1.17 -1.74
CA HIS A 87 -13.49 2.31 -2.64
C HIS A 87 -12.45 2.19 -3.74
N HIS A 88 -12.82 1.51 -4.82
CA HIS A 88 -11.86 1.16 -5.85
C HIS A 88 -11.59 2.42 -6.70
N GLY A 89 -10.39 2.51 -7.26
CA GLY A 89 -10.11 3.68 -8.12
C GLY A 89 -9.80 5.03 -7.46
N GLN A 90 -9.49 4.99 -6.17
CA GLN A 90 -9.11 6.19 -5.43
C GLN A 90 -7.61 6.38 -5.47
N LEU A 91 -6.83 5.39 -5.92
CA LEU A 91 -5.38 5.56 -6.02
C LEU A 91 -5.04 5.35 -7.47
N LYS A 92 -4.35 6.30 -8.07
CA LYS A 92 -4.12 6.24 -9.53
C LYS A 92 -2.73 6.70 -9.90
N GLU A 93 -2.23 6.22 -11.03
CA GLU A 93 -1.08 6.83 -11.63
C GLU A 93 -1.54 8.07 -12.39
N LYS A 94 -0.67 9.06 -12.57
CA LYS A 94 -1.14 10.34 -13.11
C LYS A 94 -1.58 10.23 -14.58
N ASN A 95 -1.87 9.01 -15.05
CA ASN A 95 -1.73 8.61 -16.47
C ASN A 95 -2.15 7.20 -16.94
N GLY A 96 -3.17 6.54 -16.38
CA GLY A 96 -4.15 7.07 -15.47
C GLY A 96 -4.74 5.82 -14.84
N ASP A 97 -4.07 4.68 -15.06
CA ASP A 97 -4.46 3.41 -14.41
C ASP A 97 -4.50 3.39 -12.90
N VAL A 98 -5.48 2.65 -12.43
CA VAL A 98 -5.72 2.59 -11.02
C VAL A 98 -4.73 1.65 -10.31
N ILE A 99 -4.44 1.94 -9.04
CA ILE A 99 -3.63 1.06 -8.17
C ILE A 99 -4.64 0.44 -7.19
N GLU A 100 -5.04 -0.82 -7.40
CA GLU A 100 -6.13 -1.38 -6.62
C GLU A 100 -5.65 -2.31 -5.52
N LEU A 101 -6.21 -2.13 -4.33
CA LEU A 101 -5.99 -3.08 -3.25
C LEU A 101 -7.09 -4.09 -3.32
N LYS A 102 -6.86 -5.18 -4.04
CA LYS A 102 -7.91 -6.18 -4.21
C LYS A 102 -7.83 -7.31 -3.26
N TYR A 103 -6.65 -7.95 -3.12
CA TYR A 103 -6.61 -9.24 -2.47
C TYR A 103 -5.52 -9.23 -1.44
N PRO A 104 -5.87 -9.19 -0.16
CA PRO A 104 -4.86 -9.19 0.85
C PRO A 104 -3.99 -10.45 0.70
N LEU A 105 -2.71 -10.28 0.85
CA LEU A 105 -1.82 -11.43 0.86
C LEU A 105 -1.51 -11.81 2.33
N ASN A 106 -2.14 -12.89 2.79
CA ASN A 106 -2.07 -13.32 4.21
C ASN A 106 -1.01 -14.41 4.39
N VAL B 2 13.58 -1.18 -5.02
CA VAL B 2 12.09 -1.06 -4.90
C VAL B 2 11.56 0.31 -5.40
N ILE B 3 10.50 0.27 -6.19
CA ILE B 3 9.92 1.49 -6.74
C ILE B 3 8.74 2.02 -5.86
N PHE B 5 5.91 4.91 -5.14
CA PHE B 5 5.10 5.91 -5.76
C PHE B 5 4.78 6.87 -4.65
N VAL B 6 4.68 8.15 -5.02
CA VAL B 6 4.52 9.28 -4.08
C VAL B 6 3.39 10.09 -4.68
N PRO B 7 2.52 10.71 -3.84
CA PRO B 7 1.35 11.49 -4.31
C PRO B 7 1.79 12.77 -5.07
N LEU B 8 0.86 13.40 -5.78
CA LEU B 8 1.19 14.49 -6.72
C LEU B 8 1.36 15.88 -6.06
N VAL C 2 -9.88 10.98 -4.96
CA VAL C 2 -8.72 10.30 -5.62
C VAL C 2 -7.40 10.95 -5.26
N ILE C 3 -6.34 10.18 -5.36
CA ILE C 3 -4.99 10.63 -5.19
C ILE C 3 -4.21 10.09 -6.42
N PHE C 5 -0.43 9.40 -8.18
CA PHE C 5 0.90 9.03 -7.75
C PHE C 5 1.85 9.08 -8.96
N VAL C 6 3.15 9.22 -8.67
CA VAL C 6 4.24 9.23 -9.64
C VAL C 6 5.36 8.45 -8.95
N PRO C 7 6.28 7.82 -9.73
CA PRO C 7 7.50 7.29 -9.12
C PRO C 7 8.37 8.39 -8.56
#